data_2FHQ
#
_entry.id   2FHQ
#
_cell.length_a   44.223
_cell.length_b   66.280
_cell.length_c   50.690
_cell.angle_alpha   90.00
_cell.angle_beta   114.77
_cell.angle_gamma   90.00
#
_symmetry.space_group_name_H-M   'P 1 21 1'
#
loop_
_entity.id
_entity.type
_entity.pdbx_description
1 polymer 'putative general stress protein'
2 water water
#
_entity_poly.entity_id   1
_entity_poly.type   'polypeptide(L)'
_entity_poly.pdbx_seq_one_letter_code
;SNA(MSE)STKT(MSE)KEKAVELLQKCEVVTLASVNKEGYPRPVP(MSE)SKIAAEGISTIW(MSE)STGADSLKTIDF
LSNPKAGLCFQEKGDSVAL(MSE)GEVEVVTDEKLKQELWQDWFIEHFPGGPTDPGYVLLKFTANHATYWIEGTFIHKKL
D
;
_entity_poly.pdbx_strand_id   A,B
#
# COMPACT_ATOMS: atom_id res chain seq x y z
N THR A 6 -3.23 -4.60 -30.34
CA THR A 6 -3.83 -4.46 -28.98
C THR A 6 -2.89 -4.96 -27.89
N LYS A 7 -2.81 -4.20 -26.79
CA LYS A 7 -1.96 -4.53 -25.66
C LYS A 7 -2.72 -5.33 -24.63
N THR A 8 -2.07 -6.34 -24.06
CA THR A 8 -2.64 -7.14 -22.99
C THR A 8 -2.67 -6.32 -21.71
N MSE A 9 -3.37 -6.79 -20.70
CA MSE A 9 -3.32 -6.18 -19.38
C MSE A 9 -1.86 -6.01 -18.88
O MSE A 9 -1.49 -4.97 -18.30
CB MSE A 9 -4.10 -7.03 -18.39
CG MSE A 9 -5.64 -6.87 -18.47
SE MSE A 9 -6.22 -5.05 -18.37
CE MSE A 9 -7.79 -5.33 -17.27
N LYS A 10 -1.02 -7.02 -19.12
CA LYS A 10 0.40 -6.93 -18.71
C LYS A 10 1.14 -5.79 -19.38
N GLU A 11 0.98 -5.69 -20.70
CA GLU A 11 1.61 -4.63 -21.48
C GLU A 11 1.10 -3.23 -21.09
N LYS A 12 -0.19 -3.14 -20.82
CA LYS A 12 -0.79 -1.90 -20.31
C LYS A 12 -0.22 -1.50 -18.95
N ALA A 13 -0.03 -2.50 -18.08
CA ALA A 13 0.54 -2.29 -16.76
C ALA A 13 2.00 -1.81 -16.83
N VAL A 14 2.77 -2.37 -17.76
CA VAL A 14 4.16 -1.91 -17.97
C VAL A 14 4.17 -0.43 -18.33
N GLU A 15 3.31 -0.04 -19.27
CA GLU A 15 3.15 1.36 -19.65
C GLU A 15 2.80 2.26 -18.47
N LEU A 16 1.87 1.79 -17.65
CA LEU A 16 1.42 2.51 -16.45
C LEU A 16 2.60 2.73 -15.48
N LEU A 17 3.37 1.67 -15.26
CA LEU A 17 4.49 1.68 -14.32
C LEU A 17 5.54 2.68 -14.75
N GLN A 18 5.87 2.66 -16.04
CA GLN A 18 6.85 3.59 -16.62
C GLN A 18 6.49 5.05 -16.30
N LYS A 19 5.21 5.30 -16.02
CA LYS A 19 4.71 6.64 -15.69
C LYS A 19 4.76 6.94 -14.19
N CYS A 20 4.92 5.90 -13.37
CA CYS A 20 4.93 6.06 -11.92
C CYS A 20 6.36 6.15 -11.40
N GLU A 21 6.64 7.14 -10.56
N GLU A 21 6.64 7.14 -10.55
CA GLU A 21 7.94 7.18 -9.89
CA GLU A 21 7.93 7.23 -9.85
C GLU A 21 7.82 6.71 -8.44
C GLU A 21 7.82 6.61 -8.46
N VAL A 22 6.58 6.49 -8.00
CA VAL A 22 6.27 6.06 -6.64
C VAL A 22 5.36 4.81 -6.71
N VAL A 23 5.61 3.87 -5.80
CA VAL A 23 4.78 2.68 -5.66
C VAL A 23 4.48 2.55 -4.18
N THR A 24 3.52 1.71 -3.82
CA THR A 24 3.30 1.38 -2.41
C THR A 24 3.68 -0.07 -2.17
N LEU A 25 4.55 -0.30 -1.18
CA LEU A 25 5.12 -1.62 -0.92
C LEU A 25 4.62 -2.06 0.43
N ALA A 26 4.13 -3.30 0.52
CA ALA A 26 3.73 -3.89 1.78
C ALA A 26 4.59 -5.08 2.17
N SER A 27 4.92 -5.13 3.45
CA SER A 27 5.52 -6.31 4.07
C SER A 27 4.50 -6.83 5.05
N VAL A 28 4.79 -7.98 5.65
CA VAL A 28 4.06 -8.46 6.80
C VAL A 28 5.05 -8.45 7.98
N ASN A 29 4.67 -7.80 9.07
CA ASN A 29 5.56 -7.78 10.22
C ASN A 29 5.48 -9.09 11.02
N LYS A 30 6.32 -9.23 12.04
CA LYS A 30 6.36 -10.48 12.77
C LYS A 30 5.03 -10.80 13.47
N GLU A 31 4.22 -9.77 13.71
CA GLU A 31 2.92 -9.98 14.35
C GLU A 31 1.77 -10.30 13.38
N GLY A 32 2.06 -10.38 12.08
CA GLY A 32 1.06 -10.72 11.06
C GLY A 32 0.36 -9.53 10.43
N TYR A 33 0.78 -8.32 10.77
CA TYR A 33 0.19 -7.08 10.23
C TYR A 33 0.83 -6.68 8.93
N PRO A 34 0.00 -6.39 7.90
CA PRO A 34 0.60 -5.91 6.66
C PRO A 34 0.93 -4.41 6.82
N ARG A 35 2.02 -3.97 6.21
CA ARG A 35 2.55 -2.62 6.42
C ARG A 35 2.80 -1.97 5.06
N PRO A 36 1.79 -1.26 4.52
CA PRO A 36 1.95 -0.56 3.24
C PRO A 36 2.71 0.76 3.46
N VAL A 37 3.70 1.04 2.61
CA VAL A 37 4.44 2.31 2.68
C VAL A 37 4.76 2.79 1.25
N PRO A 38 4.65 4.10 0.99
CA PRO A 38 5.07 4.63 -0.31
C PRO A 38 6.58 4.57 -0.48
N MSE A 39 7.04 4.20 -1.67
CA MSE A 39 8.45 3.98 -1.94
C MSE A 39 8.77 4.55 -3.31
O MSE A 39 7.98 4.42 -4.24
CB MSE A 39 8.80 2.49 -1.94
CG MSE A 39 8.45 1.69 -0.70
SE MSE A 39 9.67 2.09 0.77
CE MSE A 39 11.26 1.29 0.03
N SER A 40 9.96 5.14 -3.46
CA SER A 40 10.35 5.58 -4.79
C SER A 40 10.75 4.35 -5.56
N LYS A 41 10.32 4.28 -6.81
CA LYS A 41 10.66 3.21 -7.73
C LYS A 41 11.99 3.59 -8.36
N ILE A 42 13.07 2.85 -8.05
CA ILE A 42 14.35 3.26 -8.59
C ILE A 42 14.58 2.69 -10.00
N ALA A 43 14.07 1.48 -10.22
CA ALA A 43 14.11 0.85 -11.53
C ALA A 43 13.10 -0.30 -11.58
N ALA A 44 12.71 -0.68 -12.79
CA ALA A 44 11.85 -1.84 -12.99
C ALA A 44 12.14 -2.51 -14.33
N GLU A 45 12.00 -3.84 -14.36
CA GLU A 45 12.11 -4.64 -15.58
C GLU A 45 10.69 -5.13 -15.86
N GLY A 46 10.01 -4.54 -16.84
CA GLY A 46 8.55 -4.71 -17.02
C GLY A 46 7.80 -4.44 -15.73
N ILE A 47 6.88 -5.34 -15.37
CA ILE A 47 6.29 -5.42 -14.03
C ILE A 47 6.82 -6.62 -13.25
N SER A 48 7.80 -7.31 -13.84
CA SER A 48 8.34 -8.53 -13.27
C SER A 48 9.28 -8.28 -12.10
N THR A 49 10.10 -7.25 -12.20
CA THR A 49 11.08 -6.96 -11.17
C THR A 49 11.02 -5.48 -10.88
N ILE A 50 10.94 -5.13 -9.61
CA ILE A 50 10.88 -3.72 -9.23
C ILE A 50 11.88 -3.47 -8.12
N TRP A 51 12.68 -2.42 -8.29
CA TRP A 51 13.81 -2.12 -7.40
C TRP A 51 13.52 -0.90 -6.56
N MSE A 52 13.73 -1.02 -5.25
CA MSE A 52 13.63 0.09 -4.32
C MSE A 52 14.86 0.13 -3.39
O MSE A 52 15.67 -0.79 -3.37
CB MSE A 52 12.35 -0.06 -3.50
CG MSE A 52 11.12 0.09 -4.37
SE MSE A 52 9.59 -0.92 -3.84
CE MSE A 52 10.16 -2.72 -4.41
N SER A 53 15.03 1.22 -2.65
CA SER A 53 16.12 1.26 -1.69
C SER A 53 15.53 1.52 -0.31
N THR A 54 16.31 1.20 0.72
CA THR A 54 15.88 1.36 2.11
C THR A 54 17.12 1.28 3.02
N GLY A 55 16.96 1.63 4.29
CA GLY A 55 18.05 1.46 5.29
C GLY A 55 18.26 0.02 5.72
N ALA A 56 19.48 -0.33 6.06
CA ALA A 56 19.79 -1.68 6.51
C ALA A 56 19.06 -2.02 7.80
N ASP A 57 18.66 -1.00 8.55
CA ASP A 57 17.92 -1.21 9.82
C ASP A 57 16.45 -0.78 9.76
N SER A 58 15.93 -0.59 8.55
CA SER A 58 14.55 -0.12 8.39
C SER A 58 13.58 -1.21 8.83
N LEU A 59 12.37 -0.82 9.22
CA LEU A 59 11.30 -1.79 9.53
C LEU A 59 11.02 -2.71 8.34
N LYS A 60 11.03 -2.17 7.12
CA LYS A 60 10.88 -2.99 5.92
C LYS A 60 11.95 -4.08 5.85
N THR A 61 13.22 -3.69 6.00
CA THR A 61 14.30 -4.69 6.01
C THR A 61 14.06 -5.73 7.07
N ILE A 62 13.70 -5.32 8.28
CA ILE A 62 13.47 -6.28 9.37
C ILE A 62 12.35 -7.27 9.02
N ASP A 63 11.22 -6.75 8.52
CA ASP A 63 10.13 -7.63 8.08
C ASP A 63 10.57 -8.65 7.04
N PHE A 64 11.25 -8.19 5.99
CA PHE A 64 11.57 -9.05 4.85
C PHE A 64 12.65 -10.09 5.15
N LEU A 65 13.48 -9.79 6.13
CA LEU A 65 14.49 -10.74 6.62
C LEU A 65 13.86 -11.97 7.23
N SER A 66 12.64 -11.84 7.75
CA SER A 66 11.96 -12.99 8.31
C SER A 66 10.75 -13.48 7.49
N ASN A 67 10.18 -12.62 6.65
CA ASN A 67 9.06 -13.00 5.81
C ASN A 67 9.22 -12.33 4.45
N PRO A 68 9.60 -13.09 3.40
CA PRO A 68 9.81 -12.48 2.10
C PRO A 68 8.55 -12.08 1.33
N LYS A 69 7.37 -12.49 1.80
CA LYS A 69 6.14 -12.26 1.05
C LYS A 69 5.79 -10.78 1.05
N ALA A 70 5.51 -10.28 -0.15
CA ALA A 70 5.29 -8.85 -0.38
C ALA A 70 4.11 -8.55 -1.29
N GLY A 71 3.66 -7.30 -1.24
CA GLY A 71 2.62 -6.78 -2.12
C GLY A 71 3.04 -5.39 -2.57
N LEU A 72 2.75 -5.07 -3.82
CA LEU A 72 3.15 -3.78 -4.38
C LEU A 72 2.02 -3.27 -5.26
N CYS A 73 1.60 -2.02 -5.09
CA CYS A 73 0.63 -1.43 -5.99
C CYS A 73 1.06 -0.06 -6.51
N PHE A 74 0.44 0.34 -7.60
CA PHE A 74 0.71 1.63 -8.20
C PHE A 74 -0.53 2.05 -8.98
N GLN A 75 -0.68 3.35 -9.17
CA GLN A 75 -1.92 3.91 -9.70
C GLN A 75 -1.61 5.15 -10.48
N GLU A 76 -2.26 5.29 -11.62
CA GLU A 76 -2.29 6.55 -12.32
C GLU A 76 -3.62 6.69 -13.05
N LYS A 77 -4.43 7.64 -12.57
CA LYS A 77 -5.65 8.09 -13.25
C LYS A 77 -6.76 7.04 -13.34
N GLY A 78 -7.24 6.58 -12.18
CA GLY A 78 -8.30 5.57 -12.14
C GLY A 78 -7.84 4.16 -12.49
N ASP A 79 -6.66 4.05 -13.09
CA ASP A 79 -6.06 2.75 -13.41
C ASP A 79 -5.09 2.36 -12.31
N SER A 80 -5.25 1.16 -11.75
CA SER A 80 -4.34 0.69 -10.71
C SER A 80 -3.89 -0.73 -11.01
N VAL A 81 -2.74 -1.12 -10.46
CA VAL A 81 -2.22 -2.47 -10.60
C VAL A 81 -1.73 -2.89 -9.21
N ALA A 82 -2.09 -4.09 -8.79
CA ALA A 82 -1.68 -4.64 -7.52
C ALA A 82 -0.99 -5.95 -7.76
N LEU A 83 0.23 -6.05 -7.26
CA LEU A 83 1.10 -7.17 -7.56
C LEU A 83 1.36 -7.92 -6.28
N MSE A 84 1.52 -9.22 -6.41
N MSE A 84 1.52 -9.22 -6.41
CA MSE A 84 1.95 -10.03 -5.29
CA MSE A 84 1.99 -10.03 -5.29
C MSE A 84 3.31 -10.62 -5.68
C MSE A 84 3.27 -10.74 -5.67
O MSE A 84 3.59 -10.80 -6.86
O MSE A 84 3.47 -11.14 -6.81
CB MSE A 84 0.92 -11.12 -5.01
CB MSE A 84 0.91 -10.98 -4.78
CG MSE A 84 1.46 -12.23 -4.18
CG MSE A 84 -0.08 -10.28 -3.90
SE MSE A 84 0.60 -13.97 -4.45
SE MSE A 84 -1.58 -11.35 -3.31
CE MSE A 84 -0.98 -13.43 -3.86
CE MSE A 84 -1.71 -10.60 -1.64
N GLY A 85 4.16 -10.89 -4.69
CA GLY A 85 5.45 -11.50 -4.93
C GLY A 85 6.33 -11.57 -3.71
N GLU A 86 7.64 -11.62 -3.96
CA GLU A 86 8.57 -11.68 -2.86
C GLU A 86 9.64 -10.60 -2.98
N VAL A 87 10.15 -10.18 -1.83
CA VAL A 87 11.30 -9.26 -1.75
C VAL A 87 12.55 -9.97 -1.24
N GLU A 88 13.64 -9.76 -1.97
CA GLU A 88 14.99 -10.10 -1.54
C GLU A 88 15.68 -8.80 -1.09
N VAL A 89 16.32 -8.83 0.08
CA VAL A 89 17.15 -7.71 0.51
C VAL A 89 18.50 -7.90 -0.15
N VAL A 90 18.94 -6.93 -0.95
CA VAL A 90 20.19 -7.11 -1.68
C VAL A 90 21.28 -6.16 -1.20
N THR A 91 22.48 -6.70 -1.03
CA THR A 91 23.60 -5.90 -0.54
C THR A 91 24.75 -5.92 -1.54
N ASP A 92 24.52 -6.56 -2.70
CA ASP A 92 25.49 -6.64 -3.80
C ASP A 92 26.08 -5.26 -4.17
N GLU A 93 27.36 -5.07 -3.87
CA GLU A 93 28.07 -3.80 -4.15
C GLU A 93 27.85 -3.26 -5.56
N LYS A 94 27.83 -4.15 -6.54
CA LYS A 94 27.69 -3.79 -7.96
C LYS A 94 26.32 -3.17 -8.26
N LEU A 95 25.28 -3.75 -7.64
CA LEU A 95 23.93 -3.27 -7.83
C LEU A 95 23.73 -1.99 -7.03
N LYS A 96 24.24 -1.95 -5.79
CA LYS A 96 24.24 -0.73 -4.97
C LYS A 96 24.78 0.48 -5.70
N GLN A 97 25.88 0.28 -6.44
N GLN A 97 25.89 0.26 -6.42
CA GLN A 97 26.49 1.39 -7.16
CA GLN A 97 26.57 1.31 -7.19
C GLN A 97 25.79 1.69 -8.48
C GLN A 97 25.74 1.67 -8.43
N GLU A 98 25.32 0.66 -9.18
CA GLU A 98 24.54 0.86 -10.41
C GLU A 98 23.18 1.54 -10.18
N LEU A 99 22.56 1.27 -9.03
CA LEU A 99 21.22 1.78 -8.77
C LEU A 99 21.18 3.05 -7.91
N TRP A 100 22.37 3.51 -7.52
CA TRP A 100 22.51 4.73 -6.74
C TRP A 100 21.90 5.91 -7.48
N GLN A 101 21.13 6.72 -6.75
CA GLN A 101 20.54 7.95 -7.28
C GLN A 101 21.10 9.09 -6.47
N ASP A 102 21.20 10.28 -7.08
CA ASP A 102 21.72 11.44 -6.37
C ASP A 102 20.97 11.74 -5.09
N TRP A 103 19.65 11.55 -5.10
CA TRP A 103 18.84 11.91 -3.94
C TRP A 103 19.08 10.95 -2.76
N PHE A 104 19.78 9.86 -3.02
CA PHE A 104 20.24 8.92 -1.96
C PHE A 104 21.20 9.55 -0.96
N ILE A 105 21.85 10.66 -1.33
CA ILE A 105 22.86 11.26 -0.45
C ILE A 105 22.26 11.70 0.87
N GLU A 106 21.10 12.34 0.80
CA GLU A 106 20.32 12.73 1.98
C GLU A 106 20.04 11.59 2.97
N HIS A 107 20.03 10.34 2.48
CA HIS A 107 19.65 9.16 3.27
C HIS A 107 20.83 8.26 3.61
N PHE A 108 21.80 8.17 2.70
CA PHE A 108 22.98 7.34 2.91
C PHE A 108 24.25 8.16 2.74
N PRO A 109 24.66 8.88 3.80
CA PRO A 109 25.77 9.85 3.72
C PRO A 109 27.14 9.27 3.35
N GLY A 110 27.27 7.93 3.37
CA GLY A 110 28.52 7.27 3.02
C GLY A 110 28.71 7.05 1.52
N GLY A 111 27.68 7.41 0.75
CA GLY A 111 27.67 7.12 -0.69
C GLY A 111 27.27 5.68 -1.02
N PRO A 112 27.47 5.27 -2.29
CA PRO A 112 27.04 3.96 -2.81
C PRO A 112 27.68 2.77 -2.11
N THR A 113 28.60 3.07 -1.21
CA THR A 113 29.37 2.08 -0.48
C THR A 113 28.90 2.00 0.99
N ASP A 114 28.03 2.95 1.37
CA ASP A 114 27.47 3.05 2.73
C ASP A 114 26.90 1.70 3.19
N PRO A 115 27.33 1.24 4.38
CA PRO A 115 26.87 -0.07 4.90
C PRO A 115 25.40 -0.01 5.29
N GLY A 116 24.91 1.19 5.52
CA GLY A 116 23.51 1.42 5.84
C GLY A 116 22.58 1.33 4.63
N TYR A 117 23.16 1.19 3.43
CA TYR A 117 22.40 1.27 2.16
C TYR A 117 22.11 -0.12 1.56
N VAL A 118 20.82 -0.42 1.43
CA VAL A 118 20.34 -1.73 1.02
C VAL A 118 19.34 -1.57 -0.12
N LEU A 119 19.31 -2.53 -1.05
CA LEU A 119 18.30 -2.55 -2.09
C LEU A 119 17.21 -3.61 -1.82
N LEU A 120 16.00 -3.31 -2.28
CA LEU A 120 14.89 -4.27 -2.19
C LEU A 120 14.48 -4.65 -3.60
N LYS A 121 14.66 -5.94 -3.92
CA LYS A 121 14.26 -6.47 -5.22
C LYS A 121 12.92 -7.17 -5.06
N PHE A 122 11.87 -6.61 -5.65
CA PHE A 122 10.54 -7.23 -5.63
C PHE A 122 10.36 -8.03 -6.89
N THR A 123 10.02 -9.31 -6.75
CA THR A 123 9.76 -10.20 -7.87
C THR A 123 8.31 -10.63 -7.82
N ALA A 124 7.60 -10.34 -8.92
CA ALA A 124 6.14 -10.50 -8.96
C ALA A 124 5.76 -11.93 -9.32
N ASN A 125 4.70 -12.43 -8.69
N ASN A 125 4.66 -12.43 -8.76
CA ASN A 125 4.12 -13.76 -8.96
CA ASN A 125 4.16 -13.76 -9.14
C ASN A 125 2.73 -13.68 -9.59
C ASN A 125 2.67 -13.77 -9.44
N HIS A 126 2.00 -12.63 -9.23
CA HIS A 126 0.56 -12.50 -9.47
C HIS A 126 0.20 -11.04 -9.66
N ALA A 127 -0.63 -10.73 -10.64
CA ALA A 127 -1.14 -9.38 -10.79
C ALA A 127 -2.66 -9.32 -10.70
N THR A 128 -3.13 -8.18 -10.20
CA THR A 128 -4.52 -7.81 -10.22
C THR A 128 -4.55 -6.46 -10.90
N TYR A 129 -5.17 -6.42 -12.07
CA TYR A 129 -5.28 -5.18 -12.85
C TYR A 129 -6.66 -4.54 -12.72
N TRP A 130 -6.70 -3.23 -12.53
CA TRP A 130 -7.90 -2.40 -12.72
C TRP A 130 -7.58 -1.42 -13.82
N ILE A 131 -7.74 -1.86 -15.06
CA ILE A 131 -7.47 -0.99 -16.18
C ILE A 131 -8.72 -1.02 -17.04
N GLU A 132 -9.05 0.14 -17.63
CA GLU A 132 -10.30 0.35 -18.37
C GLU A 132 -11.53 -0.10 -17.58
N GLY A 133 -11.58 0.34 -16.32
CA GLY A 133 -12.64 -0.02 -15.38
C GLY A 133 -12.98 -1.50 -15.38
N THR A 134 -11.98 -2.33 -15.69
CA THR A 134 -12.14 -3.77 -15.78
C THR A 134 -11.13 -4.45 -14.87
N PHE A 135 -11.63 -5.36 -14.04
CA PHE A 135 -10.78 -6.13 -13.14
C PHE A 135 -10.33 -7.47 -13.74
N ILE A 136 -9.02 -7.72 -13.70
CA ILE A 136 -8.43 -9.01 -14.12
C ILE A 136 -7.34 -9.48 -13.16
N HIS A 137 -7.38 -10.75 -12.79
CA HIS A 137 -6.50 -11.30 -11.77
C HIS A 137 -5.76 -12.50 -12.34
N LYS A 138 -4.51 -12.27 -12.73
CA LYS A 138 -3.68 -13.27 -13.43
C LYS A 138 -2.42 -13.69 -12.68
N LYS A 139 -2.05 -14.96 -12.79
CA LYS A 139 -0.70 -15.43 -12.40
C LYS A 139 0.36 -14.87 -13.36
N LEU A 140 1.55 -14.51 -12.87
CA LEU A 140 2.64 -14.02 -13.73
C LEU A 140 3.73 -15.04 -13.99
N LYS B 7 1.61 21.12 15.80
CA LYS B 7 2.98 20.99 16.36
C LYS B 7 3.29 19.60 16.92
N THR B 8 2.27 18.88 17.36
CA THR B 8 2.45 17.49 17.80
C THR B 8 2.50 16.59 16.57
N MSE B 9 3.24 15.49 16.65
CA MSE B 9 3.39 14.59 15.49
C MSE B 9 2.03 14.05 15.03
O MSE B 9 1.71 14.09 13.85
CB MSE B 9 4.37 13.45 15.81
CG MSE B 9 4.59 12.48 14.69
SE MSE B 9 4.99 13.35 13.00
CE MSE B 9 6.65 13.86 13.26
N LYS B 10 1.24 13.53 15.95
CA LYS B 10 -0.11 13.04 15.63
C LYS B 10 -0.99 14.17 15.07
N GLU B 11 -0.83 15.39 15.60
CA GLU B 11 -1.55 16.55 15.07
C GLU B 11 -1.19 16.82 13.62
N LYS B 12 0.09 16.71 13.27
CA LYS B 12 0.51 16.88 11.87
C LYS B 12 -0.01 15.76 10.96
N ALA B 13 -0.02 14.55 11.50
CA ALA B 13 -0.51 13.36 10.81
C ALA B 13 -2.03 13.45 10.54
N VAL B 14 -2.79 13.91 11.53
CA VAL B 14 -4.23 14.19 11.33
C VAL B 14 -4.43 15.23 10.24
N GLU B 15 -3.71 16.37 10.33
CA GLU B 15 -3.75 17.42 9.31
C GLU B 15 -3.41 16.86 7.91
N LEU B 16 -2.48 15.91 7.88
CA LEU B 16 -2.09 15.26 6.62
C LEU B 16 -3.24 14.39 6.08
N LEU B 17 -3.88 13.62 6.96
CA LEU B 17 -4.99 12.77 6.52
C LEU B 17 -6.12 13.62 5.95
N GLN B 18 -6.38 14.76 6.59
CA GLN B 18 -7.44 15.66 6.14
C GLN B 18 -7.22 16.15 4.69
N LYS B 19 -5.98 16.21 4.26
CA LYS B 19 -5.68 16.63 2.88
C LYS B 19 -5.69 15.50 1.87
N CYS B 20 -5.78 14.26 2.36
CA CYS B 20 -5.72 13.08 1.48
C CYS B 20 -7.11 12.52 1.22
N GLU B 21 -7.49 12.41 -0.06
CA GLU B 21 -8.77 11.82 -0.44
C GLU B 21 -8.66 10.31 -0.71
N VAL B 22 -7.43 9.86 -0.92
CA VAL B 22 -7.15 8.45 -1.16
C VAL B 22 -6.16 7.93 -0.12
N VAL B 23 -6.28 6.65 0.22
CA VAL B 23 -5.36 5.99 1.12
C VAL B 23 -4.99 4.68 0.45
N THR B 24 -4.00 3.96 0.97
CA THR B 24 -3.70 2.60 0.47
C THR B 24 -3.94 1.61 1.63
N LEU B 25 -4.83 0.64 1.35
CA LEU B 25 -5.28 -0.32 2.35
C LEU B 25 -4.67 -1.66 2.01
N ALA B 26 -4.14 -2.33 3.02
CA ALA B 26 -3.57 -3.67 2.84
C ALA B 26 -4.22 -4.70 3.74
N SER B 27 -4.54 -5.84 3.15
CA SER B 27 -5.04 -6.99 3.87
C SER B 27 -3.95 -8.06 3.72
N VAL B 28 -4.12 -9.20 4.38
CA VAL B 28 -3.28 -10.37 4.16
C VAL B 28 -4.17 -11.49 3.66
N ASN B 29 -3.85 -12.03 2.49
CA ASN B 29 -4.71 -13.09 1.93
C ASN B 29 -4.44 -14.44 2.60
N LYS B 30 -5.23 -15.45 2.22
CA LYS B 30 -5.07 -16.74 2.85
C LYS B 30 -3.72 -17.37 2.51
N GLU B 31 -3.11 -16.92 1.41
CA GLU B 31 -1.78 -17.37 1.04
C GLU B 31 -0.66 -16.72 1.86
N GLY B 32 -0.99 -15.72 2.70
CA GLY B 32 -0.02 -15.02 3.52
C GLY B 32 0.63 -13.77 2.90
N TYR B 33 0.20 -13.39 1.70
CA TYR B 33 0.72 -12.22 1.04
C TYR B 33 -0.05 -10.98 1.47
N PRO B 34 0.68 -9.88 1.72
CA PRO B 34 -0.03 -8.62 1.99
C PRO B 34 -0.50 -8.01 0.66
N ARG B 35 -1.69 -7.42 0.68
CA ARG B 35 -2.36 -6.95 -0.52
C ARG B 35 -2.70 -5.46 -0.42
N PRO B 36 -1.77 -4.56 -0.81
CA PRO B 36 -2.08 -3.12 -0.84
C PRO B 36 -2.93 -2.73 -2.04
N VAL B 37 -3.96 -1.93 -1.78
CA VAL B 37 -4.84 -1.46 -2.84
C VAL B 37 -5.22 -0.02 -2.55
N PRO B 38 -5.22 0.84 -3.59
CA PRO B 38 -5.69 2.20 -3.40
C PRO B 38 -7.20 2.26 -3.10
N MSE B 39 -7.57 3.12 -2.15
CA MSE B 39 -8.95 3.23 -1.68
C MSE B 39 -9.39 4.67 -1.42
O MSE B 39 -8.65 5.48 -0.82
CB MSE B 39 -9.15 2.47 -0.35
CG MSE B 39 -8.74 0.99 -0.37
SE MSE B 39 -10.05 -0.04 -1.35
CE MSE B 39 -11.47 0.07 -0.05
N SER B 40 -10.62 4.99 -1.82
CA SER B 40 -11.17 6.30 -1.55
C SER B 40 -11.46 6.39 -0.06
N LYS B 41 -11.07 7.48 0.58
CA LYS B 41 -11.32 7.72 2.00
C LYS B 41 -12.72 8.34 2.12
N ILE B 42 -13.67 7.63 2.72
CA ILE B 42 -15.04 8.17 2.91
C ILE B 42 -15.12 9.17 4.06
N ALA B 43 -14.58 8.75 5.21
CA ALA B 43 -14.54 9.56 6.43
C ALA B 43 -13.39 9.07 7.31
N ALA B 44 -12.89 9.94 8.18
CA ALA B 44 -11.87 9.60 9.17
C ALA B 44 -12.09 10.38 10.46
N GLU B 45 -11.83 9.78 11.62
CA GLU B 45 -11.79 10.51 12.89
C GLU B 45 -10.36 10.52 13.41
N GLY B 46 -9.69 11.66 13.25
CA GLY B 46 -8.26 11.74 13.57
C GLY B 46 -7.51 10.75 12.69
N ILE B 47 -6.63 9.95 13.29
CA ILE B 47 -6.04 8.78 12.61
C ILE B 47 -6.51 7.48 13.26
N SER B 48 -7.52 7.59 14.10
CA SER B 48 -7.98 6.46 14.89
C SER B 48 -8.94 5.54 14.14
N THR B 49 -9.85 6.14 13.38
CA THR B 49 -10.82 5.36 12.61
C THR B 49 -10.97 5.91 11.21
N ILE B 50 -10.92 5.03 10.20
CA ILE B 50 -11.06 5.44 8.80
C ILE B 50 -12.05 4.53 8.08
N TRP B 51 -12.94 5.15 7.30
CA TRP B 51 -14.04 4.46 6.62
C TRP B 51 -13.86 4.41 5.12
N MSE B 52 -14.07 3.23 4.55
CA MSE B 52 -14.00 3.02 3.11
C MSE B 52 -15.15 2.11 2.73
O MSE B 52 -15.87 1.63 3.61
CB MSE B 52 -12.66 2.37 2.73
CG MSE B 52 -11.47 3.21 3.18
SE MSE B 52 -9.83 2.23 3.46
CE MSE B 52 -10.13 1.58 5.27
N SER B 53 -15.35 1.90 1.42
CA SER B 53 -16.37 1.00 0.93
C SER B 53 -15.73 0.09 -0.08
N THR B 54 -16.32 -1.09 -0.28
CA THR B 54 -15.83 -2.05 -1.28
C THR B 54 -16.95 -3.04 -1.63
N GLY B 55 -16.72 -3.87 -2.63
CA GLY B 55 -17.68 -4.92 -2.95
C GLY B 55 -17.67 -6.03 -1.92
N ALA B 56 -18.86 -6.53 -1.58
CA ALA B 56 -18.99 -7.69 -0.70
C ALA B 56 -18.25 -8.92 -1.22
N ASP B 57 -18.10 -9.02 -2.54
CA ASP B 57 -17.35 -10.11 -3.13
C ASP B 57 -15.90 -9.75 -3.51
N SER B 58 -15.42 -8.61 -3.05
CA SER B 58 -14.03 -8.22 -3.40
C SER B 58 -12.99 -9.13 -2.75
N LEU B 59 -11.78 -9.15 -3.30
CA LEU B 59 -10.69 -9.90 -2.68
C LEU B 59 -10.40 -9.36 -1.25
N LYS B 60 -10.49 -8.04 -1.08
CA LYS B 60 -10.36 -7.34 0.22
C LYS B 60 -11.31 -7.94 1.24
N THR B 61 -12.59 -7.94 0.89
CA THR B 61 -13.61 -8.41 1.80
C THR B 61 -13.36 -9.83 2.24
N ILE B 62 -13.11 -10.71 1.27
CA ILE B 62 -12.87 -12.12 1.56
C ILE B 62 -11.63 -12.29 2.45
N ASP B 63 -10.57 -11.53 2.17
CA ASP B 63 -9.42 -11.50 3.11
C ASP B 63 -9.83 -11.15 4.55
N PHE B 64 -10.55 -10.05 4.71
CA PHE B 64 -10.81 -9.50 6.03
C PHE B 64 -11.76 -10.34 6.87
N LEU B 65 -12.61 -11.10 6.19
CA LEU B 65 -13.55 -11.97 6.88
C LEU B 65 -12.85 -13.07 7.66
N SER B 66 -11.66 -13.46 7.19
CA SER B 66 -10.83 -14.47 7.85
C SER B 66 -9.62 -13.94 8.63
N ASN B 67 -9.08 -12.78 8.23
CA ASN B 67 -7.95 -12.17 8.91
C ASN B 67 -8.21 -10.66 9.05
N PRO B 68 -8.53 -10.18 10.25
CA PRO B 68 -8.85 -8.77 10.45
C PRO B 68 -7.65 -7.82 10.38
N LYS B 69 -6.42 -8.35 10.42
CA LYS B 69 -5.20 -7.51 10.50
C LYS B 69 -4.97 -6.69 9.24
N ALA B 70 -4.57 -5.45 9.45
CA ALA B 70 -4.66 -4.50 8.35
C ALA B 70 -3.60 -3.45 8.48
N GLY B 71 -3.26 -2.86 7.34
CA GLY B 71 -2.38 -1.69 7.32
C GLY B 71 -2.95 -0.68 6.34
N LEU B 72 -2.63 0.59 6.56
CA LEU B 72 -3.15 1.70 5.78
C LEU B 72 -2.11 2.82 5.75
N CYS B 73 -1.78 3.33 4.57
CA CYS B 73 -0.90 4.50 4.51
C CYS B 73 -1.50 5.61 3.69
N PHE B 74 -0.94 6.80 3.85
CA PHE B 74 -1.36 7.93 3.05
C PHE B 74 -0.17 8.88 2.95
N GLN B 75 -0.18 9.74 1.96
CA GLN B 75 0.92 10.70 1.82
C GLN B 75 0.56 11.89 0.96
N GLU B 76 1.28 12.99 1.18
CA GLU B 76 1.13 14.21 0.40
C GLU B 76 2.49 14.89 0.49
N LYS B 77 3.03 15.31 -0.66
CA LYS B 77 4.22 16.17 -0.71
C LYS B 77 5.41 15.67 0.12
N GLY B 78 5.75 14.39 -0.06
CA GLY B 78 6.92 13.83 0.61
C GLY B 78 6.74 13.49 2.09
N ASP B 79 5.57 13.80 2.67
CA ASP B 79 5.24 13.38 4.05
C ASP B 79 4.30 12.18 3.93
N SER B 80 4.51 11.18 4.81
N SER B 80 4.50 11.19 4.81
CA SER B 80 3.75 9.93 4.75
CA SER B 80 3.70 9.96 4.75
C SER B 80 3.48 9.39 6.15
C SER B 80 3.49 9.37 6.13
N VAL B 81 2.42 8.59 6.26
CA VAL B 81 2.06 7.93 7.52
C VAL B 81 1.60 6.52 7.14
N ALA B 82 1.97 5.52 7.93
CA ALA B 82 1.50 4.15 7.77
C ALA B 82 0.98 3.72 9.10
N LEU B 83 -0.27 3.33 9.10
CA LEU B 83 -0.92 2.80 10.29
C LEU B 83 -1.11 1.29 10.16
N MSE B 84 -1.09 0.62 11.30
CA MSE B 84 -1.50 -0.76 11.39
C MSE B 84 -2.73 -0.78 12.28
O MSE B 84 -2.92 0.10 13.13
CB MSE B 84 -0.38 -1.62 11.99
CG MSE B 84 0.86 -1.83 11.11
SE MSE B 84 2.19 -2.92 12.02
CE MSE B 84 1.32 -3.32 13.46
N GLY B 85 -3.56 -1.80 12.12
CA GLY B 85 -4.72 -1.91 12.94
C GLY B 85 -5.57 -3.06 12.46
N GLU B 86 -6.88 -2.95 12.66
N GLU B 86 -6.88 -2.92 12.66
CA GLU B 86 -7.80 -3.99 12.22
CA GLU B 86 -7.86 -3.95 12.31
C GLU B 86 -8.96 -3.43 11.44
C GLU B 86 -8.91 -3.38 11.37
N VAL B 87 -9.41 -4.22 10.46
CA VAL B 87 -10.65 -3.91 9.72
C VAL B 87 -11.83 -4.75 10.21
N GLU B 88 -12.93 -4.05 10.42
CA GLU B 88 -14.25 -4.66 10.57
C GLU B 88 -15.02 -4.43 9.26
N VAL B 89 -15.59 -5.50 8.72
CA VAL B 89 -16.45 -5.44 7.53
C VAL B 89 -17.86 -5.14 8.01
N VAL B 90 -18.41 -4.00 7.59
CA VAL B 90 -19.63 -3.48 8.20
C VAL B 90 -20.78 -3.58 7.20
N THR B 91 -21.83 -4.28 7.61
CA THR B 91 -23.01 -4.52 6.77
C THR B 91 -24.27 -3.84 7.34
N ASP B 92 -24.12 -3.19 8.48
CA ASP B 92 -25.21 -2.44 9.12
C ASP B 92 -25.98 -1.59 8.10
N GLU B 93 -27.30 -1.78 8.05
CA GLU B 93 -28.17 -1.03 7.14
C GLU B 93 -28.15 0.48 7.37
N LYS B 94 -28.11 0.91 8.63
CA LYS B 94 -28.12 2.33 8.94
C LYS B 94 -26.81 3.02 8.57
N LEU B 95 -25.68 2.36 8.82
CA LEU B 95 -24.35 2.88 8.43
C LEU B 95 -24.17 2.92 6.91
N LYS B 96 -24.58 1.84 6.23
CA LYS B 96 -24.53 1.80 4.76
C LYS B 96 -25.27 2.99 4.14
N GLN B 97 -26.46 3.27 4.68
N GLN B 97 -26.44 3.31 4.70
CA GLN B 97 -27.24 4.42 4.25
CA GLN B 97 -27.22 4.44 4.22
C GLN B 97 -26.53 5.73 4.59
C GLN B 97 -26.58 5.78 4.60
N GLU B 98 -26.10 5.89 5.84
CA GLU B 98 -25.45 7.14 6.31
C GLU B 98 -24.21 7.53 5.50
N LEU B 99 -23.38 6.52 5.18
CA LEU B 99 -22.13 6.76 4.47
C LEU B 99 -22.24 6.66 2.96
N TRP B 100 -23.44 6.39 2.44
CA TRP B 100 -23.68 6.28 1.00
C TRP B 100 -23.28 7.59 0.32
N GLN B 101 -22.61 7.47 -0.83
CA GLN B 101 -22.37 8.61 -1.72
C GLN B 101 -22.93 8.30 -3.10
N ASP B 102 -23.31 9.36 -3.81
CA ASP B 102 -24.08 9.28 -5.06
C ASP B 102 -23.41 8.43 -6.15
N TRP B 103 -22.12 8.69 -6.39
CA TRP B 103 -21.31 7.95 -7.37
C TRP B 103 -21.11 6.46 -7.02
N PHE B 104 -21.41 6.08 -5.77
CA PHE B 104 -21.46 4.66 -5.35
C PHE B 104 -22.37 3.82 -6.25
N ILE B 105 -23.41 4.44 -6.84
CA ILE B 105 -24.36 3.71 -7.71
C ILE B 105 -23.70 3.04 -8.90
N GLU B 106 -22.57 3.60 -9.36
CA GLU B 106 -21.77 2.99 -10.42
C GLU B 106 -21.28 1.58 -10.02
N HIS B 107 -20.83 1.47 -8.78
CA HIS B 107 -20.22 0.23 -8.29
C HIS B 107 -21.26 -0.65 -7.62
N PHE B 108 -22.28 -0.01 -7.04
CA PHE B 108 -23.35 -0.70 -6.35
C PHE B 108 -24.70 -0.29 -6.92
N PRO B 109 -25.10 -0.95 -8.04
CA PRO B 109 -26.34 -0.63 -8.76
C PRO B 109 -27.60 -0.92 -7.94
N GLY B 110 -27.51 -1.80 -6.95
CA GLY B 110 -28.61 -2.03 -6.01
C GLY B 110 -28.89 -0.87 -5.04
N GLY B 111 -28.04 0.15 -5.05
CA GLY B 111 -28.23 1.31 -4.14
C GLY B 111 -27.69 1.03 -2.74
N PRO B 112 -28.01 1.92 -1.77
CA PRO B 112 -27.55 1.81 -0.36
C PRO B 112 -27.95 0.54 0.39
N THR B 113 -28.97 -0.18 -0.09
CA THR B 113 -29.33 -1.48 0.51
C THR B 113 -28.82 -2.64 -0.34
N ASP B 114 -28.00 -2.35 -1.36
CA ASP B 114 -27.36 -3.39 -2.17
C ASP B 114 -26.57 -4.31 -1.25
N PRO B 115 -26.88 -5.63 -1.25
CA PRO B 115 -26.07 -6.50 -0.41
C PRO B 115 -24.64 -6.71 -0.96
N GLY B 116 -24.38 -6.21 -2.17
CA GLY B 116 -23.02 -6.22 -2.73
C GLY B 116 -22.17 -5.04 -2.28
N TYR B 117 -22.76 -4.21 -1.44
CA TYR B 117 -22.10 -3.03 -0.88
C TYR B 117 -21.78 -3.27 0.59
N VAL B 118 -20.51 -3.15 0.96
CA VAL B 118 -20.13 -3.17 2.38
C VAL B 118 -19.22 -2.01 2.71
N LEU B 119 -19.16 -1.69 4.01
CA LEU B 119 -18.28 -0.67 4.54
C LEU B 119 -17.09 -1.37 5.21
N LEU B 120 -15.90 -0.76 5.11
CA LEU B 120 -14.75 -1.27 5.83
C LEU B 120 -14.41 -0.22 6.87
N LYS B 121 -14.43 -0.63 8.15
CA LYS B 121 -14.01 0.25 9.22
C LYS B 121 -12.62 -0.18 9.70
N PHE B 122 -11.64 0.70 9.51
CA PHE B 122 -10.26 0.47 9.94
C PHE B 122 -10.04 1.19 11.27
N THR B 123 -9.59 0.44 12.28
CA THR B 123 -9.28 1.00 13.62
C THR B 123 -7.78 0.87 13.89
N ALA B 124 -7.09 2.00 13.97
CA ALA B 124 -5.63 1.95 14.12
C ALA B 124 -5.19 1.50 15.53
N ASN B 125 -4.08 0.75 15.60
CA ASN B 125 -3.39 0.43 16.88
C ASN B 125 -1.90 0.90 16.94
N HIS B 126 -1.36 1.30 15.79
CA HIS B 126 0.03 1.74 15.66
C HIS B 126 0.16 2.80 14.57
N ALA B 127 1.17 3.66 14.70
CA ALA B 127 1.49 4.64 13.66
C ALA B 127 2.99 4.76 13.42
N THR B 128 3.34 4.91 12.15
CA THR B 128 4.68 5.22 11.74
C THR B 128 4.58 6.50 10.92
N TYR B 129 5.32 7.51 11.38
CA TYR B 129 5.15 8.84 10.82
C TYR B 129 6.45 9.16 10.12
N TRP B 130 6.36 9.64 8.87
CA TRP B 130 7.45 10.23 8.14
C TRP B 130 7.04 11.67 7.77
N ILE B 131 7.17 12.57 8.73
CA ILE B 131 6.67 13.92 8.56
C ILE B 131 7.75 14.98 8.90
N GLU B 132 7.99 15.85 7.93
CA GLU B 132 8.86 17.01 8.06
C GLU B 132 10.23 16.69 8.67
N GLY B 133 10.89 15.69 8.12
CA GLY B 133 12.24 15.29 8.53
C GLY B 133 12.32 14.38 9.76
N THR B 134 11.18 14.03 10.34
CA THR B 134 11.18 13.21 11.54
C THR B 134 10.54 11.84 11.30
N PHE B 135 11.20 10.79 11.81
CA PHE B 135 10.68 9.42 11.85
C PHE B 135 10.33 9.02 13.29
N ILE B 136 9.07 8.67 13.51
CA ILE B 136 8.58 8.17 14.79
C ILE B 136 7.74 6.91 14.53
N HIS B 137 7.95 5.87 15.33
CA HIS B 137 7.21 4.61 15.21
C HIS B 137 6.56 4.33 16.55
N LYS B 138 5.25 4.54 16.62
CA LYS B 138 4.55 4.71 17.91
C LYS B 138 3.28 3.88 18.01
N LYS B 139 3.17 3.11 19.09
CA LYS B 139 1.92 2.44 19.46
C LYS B 139 0.89 3.51 19.86
N LEU B 140 -0.37 3.28 19.51
CA LEU B 140 -1.43 4.27 19.75
C LEU B 140 -2.29 4.04 20.99
#